data_8B5E
#
_entry.id   8B5E
#
_cell.length_a   34.670
_cell.length_b   53.080
_cell.length_c   54.080
_cell.angle_alpha   92.400
_cell.angle_beta   92.370
_cell.angle_gamma   94.110
#
_symmetry.space_group_name_H-M   'P 1'
#
loop_
_entity.id
_entity.type
_entity.pdbx_description
1 polymer 'ABC transporter permease subunit'
2 non-polymer ARGININE
3 non-polymer 'SODIUM ION'
4 non-polymer GLYCEROL
5 non-polymer DI(HYDROXYETHYL)ETHER
6 non-polymer 'TRIETHYLENE GLYCOL'
7 water water
#
_entity_poly.entity_id   1
_entity_poly.type   'polypeptide(L)'
_entity_poly.pdbx_seq_one_letter_code
;ETTVKIASDSSYAPFEFQNGQKKWVGIDVDIMQEVAKINDWKLEMSYPGFDAALQNLKAGQVDGIIAGMTITDERKETFD
FSNPYYTSALTIATTKDSKLSDYSDLKGKAVGAKNGTAAQTWLQENQKKYGYTIKTYSDGVHMFAALSSGNIAGAMDEVP
VISYAMKQGQDLAMNFPSISLPGGYGFAVMKGKNSTLVDGFNKALAEMKSNGDYDKILKKYGITA
;
_entity_poly.pdbx_strand_id   A,B
#
loop_
_chem_comp.id
_chem_comp.type
_chem_comp.name
_chem_comp.formula
GOL non-polymer GLYCEROL 'C3 H8 O3'
NA non-polymer 'SODIUM ION' 'Na 1'
PEG non-polymer DI(HYDROXYETHYL)ETHER 'C4 H10 O3'
PGE non-polymer 'TRIETHYLENE GLYCOL' 'C6 H14 O4'
#
# COMPACT_ATOMS: atom_id res chain seq x y z
N GLU A 1 1.05 9.75 -34.20
CA GLU A 1 0.69 9.70 -32.76
C GLU A 1 -0.36 10.77 -32.50
N THR A 2 -1.39 10.39 -31.74
CA THR A 2 -2.48 11.28 -31.38
C THR A 2 -2.15 12.03 -30.08
N THR A 3 -2.56 13.30 -30.00
CA THR A 3 -2.43 14.10 -28.80
C THR A 3 -3.50 13.70 -27.78
N VAL A 4 -3.05 13.49 -26.54
CA VAL A 4 -3.97 13.21 -25.44
C VAL A 4 -3.82 14.31 -24.40
N LYS A 5 -4.94 15.00 -24.08
CA LYS A 5 -4.91 16.14 -23.17
C LYS A 5 -5.44 15.69 -21.80
N ILE A 6 -4.59 15.79 -20.78
CA ILE A 6 -4.93 15.35 -19.45
C ILE A 6 -4.79 16.51 -18.47
N ALA A 7 -5.84 16.72 -17.69
CA ALA A 7 -5.85 17.76 -16.65
C ALA A 7 -5.62 17.15 -15.27
N SER A 8 -5.04 17.96 -14.37
CA SER A 8 -4.67 17.56 -13.02
C SER A 8 -4.84 18.74 -12.06
N ASP A 9 -4.58 18.46 -10.78
CA ASP A 9 -4.63 19.48 -9.75
C ASP A 9 -3.38 20.35 -9.86
N SER A 10 -3.40 21.50 -9.17
CA SER A 10 -2.32 22.46 -9.27
C SER A 10 -1.33 22.33 -8.11
N SER A 11 -1.74 21.66 -7.03
CA SER A 11 -0.86 21.43 -5.90
C SER A 11 -1.40 20.33 -4.99
N TYR A 12 -0.91 19.11 -5.18
CA TYR A 12 -1.35 17.95 -4.41
C TYR A 12 -0.15 17.00 -4.28
N ALA A 13 0.90 17.45 -3.58
CA ALA A 13 2.09 16.65 -3.36
C ALA A 13 1.72 15.46 -2.50
N PRO A 14 2.21 14.24 -2.79
CA PRO A 14 3.17 13.98 -3.88
C PRO A 14 2.62 13.54 -5.24
N PHE A 15 1.32 13.71 -5.48
CA PHE A 15 0.71 13.29 -6.74
C PHE A 15 1.06 14.23 -7.89
N GLU A 16 0.83 15.53 -7.72
CA GLU A 16 1.27 16.55 -8.67
C GLU A 16 1.59 17.83 -7.91
N PHE A 17 2.73 18.44 -8.25
CA PHE A 17 3.21 19.67 -7.62
C PHE A 17 4.40 20.21 -8.42
N GLN A 18 4.71 21.50 -8.22
CA GLN A 18 5.88 22.11 -8.84
C GLN A 18 7.04 22.00 -7.85
N ASN A 19 8.21 21.62 -8.36
CA ASN A 19 9.41 21.55 -7.54
C ASN A 19 10.10 22.92 -7.47
N GLY A 20 11.35 22.92 -7.01
CA GLY A 20 12.16 24.11 -6.82
C GLY A 20 12.56 24.79 -8.12
N GLN A 21 12.72 24.00 -9.20
CA GLN A 21 12.99 24.58 -10.52
C GLN A 21 11.67 24.87 -11.24
N LYS A 22 10.53 24.75 -10.53
CA LYS A 22 9.18 25.05 -11.04
C LYS A 22 8.74 24.03 -12.10
N LYS A 23 9.32 22.83 -12.09
CA LYS A 23 8.96 21.77 -13.01
C LYS A 23 7.81 20.98 -12.41
N TRP A 24 6.86 20.56 -13.25
CA TRP A 24 5.77 19.70 -12.77
C TRP A 24 6.24 18.27 -12.57
N VAL A 25 6.09 17.77 -11.34
CA VAL A 25 6.54 16.44 -10.96
C VAL A 25 5.48 15.79 -10.06
N GLY A 26 5.73 14.55 -9.67
CA GLY A 26 4.84 13.80 -8.81
C GLY A 26 4.50 12.42 -9.36
N ILE A 27 3.88 11.61 -8.52
CA ILE A 27 3.48 10.26 -8.87
C ILE A 27 2.56 10.25 -10.10
N ASP A 28 1.55 11.13 -10.09
CA ASP A 28 0.57 11.16 -11.17
C ASP A 28 1.23 11.60 -12.47
N VAL A 29 2.17 12.56 -12.37
CA VAL A 29 2.83 13.09 -13.55
C VAL A 29 3.70 11.97 -14.16
N ASP A 30 4.52 11.33 -13.34
CA ASP A 30 5.41 10.26 -13.80
C ASP A 30 4.62 9.07 -14.37
N ILE A 31 3.54 8.66 -13.67
CA ILE A 31 2.71 7.57 -14.17
C ILE A 31 2.12 7.96 -15.51
N MET A 32 1.47 9.12 -15.63
CA MET A 32 0.83 9.49 -16.89
C MET A 32 1.85 9.57 -18.04
N GLN A 33 3.05 10.09 -17.78
CA GLN A 33 4.07 10.21 -18.82
C GLN A 33 4.48 8.82 -19.31
N GLU A 34 4.66 7.86 -18.39
CA GLU A 34 5.02 6.52 -18.75
C GLU A 34 3.86 5.79 -19.45
N VAL A 35 2.61 5.98 -19.03
CA VAL A 35 1.47 5.40 -19.74
C VAL A 35 1.46 5.90 -21.20
N ALA A 36 1.68 7.20 -21.38
CA ALA A 36 1.63 7.79 -22.71
C ALA A 36 2.70 7.19 -23.60
N LYS A 37 3.91 7.03 -23.06
CA LYS A 37 5.05 6.47 -23.80
C LYS A 37 4.77 5.03 -24.21
N ILE A 38 4.29 4.25 -23.25
CA ILE A 38 3.92 2.85 -23.52
C ILE A 38 2.90 2.76 -24.65
N ASN A 39 1.94 3.69 -24.71
CA ASN A 39 0.83 3.64 -25.64
C ASN A 39 1.08 4.45 -26.93
N ASP A 40 2.25 5.08 -27.03
N ASP A 40 2.25 5.08 -27.06
CA ASP A 40 2.65 5.96 -28.13
CA ASP A 40 2.55 5.94 -28.19
C ASP A 40 1.73 7.18 -28.25
C ASP A 40 1.57 7.11 -28.27
N TRP A 41 1.29 7.73 -27.12
CA TRP A 41 0.47 8.94 -27.10
C TRP A 41 1.39 10.17 -26.92
N LYS A 42 1.02 11.28 -27.56
CA LYS A 42 1.64 12.58 -27.28
C LYS A 42 0.89 13.24 -26.12
N LEU A 43 1.49 13.28 -24.94
CA LEU A 43 0.75 13.73 -23.77
C LEU A 43 0.86 15.26 -23.62
N GLU A 44 -0.29 15.92 -23.36
CA GLU A 44 -0.36 17.33 -23.05
C GLU A 44 -1.03 17.46 -21.68
N MET A 45 -0.20 17.69 -20.64
CA MET A 45 -0.68 17.85 -19.27
C MET A 45 -1.06 19.30 -19.05
N SER A 46 -2.17 19.51 -18.35
CA SER A 46 -2.52 20.82 -17.79
C SER A 46 -2.82 20.68 -16.30
N TYR A 47 -2.63 21.78 -15.54
CA TYR A 47 -2.72 21.78 -14.09
C TYR A 47 -3.62 22.92 -13.60
N PRO A 48 -4.90 22.96 -14.02
CA PRO A 48 -5.79 24.04 -13.60
C PRO A 48 -6.37 23.96 -12.19
N GLY A 49 -6.19 22.81 -11.51
CA GLY A 49 -6.89 22.53 -10.28
C GLY A 49 -7.95 21.45 -10.48
N PHE A 50 -8.20 20.68 -9.41
CA PHE A 50 -9.11 19.53 -9.49
C PHE A 50 -10.49 19.94 -10.02
N ASP A 51 -11.10 20.97 -9.42
N ASP A 51 -11.10 20.97 -9.41
CA ASP A 51 -12.47 21.34 -9.78
CA ASP A 51 -12.44 21.37 -9.79
C ASP A 51 -12.49 21.84 -11.24
C ASP A 51 -12.48 21.83 -11.25
N ALA A 52 -11.50 22.64 -11.64
CA ALA A 52 -11.40 23.13 -13.00
C ALA A 52 -11.23 21.98 -13.99
N ALA A 53 -10.41 21.00 -13.59
CA ALA A 53 -10.14 19.81 -14.38
C ALA A 53 -11.46 19.06 -14.66
N LEU A 54 -12.31 18.90 -13.63
CA LEU A 54 -13.60 18.24 -13.82
C LEU A 54 -14.47 19.03 -14.80
N GLN A 55 -14.49 20.36 -14.68
CA GLN A 55 -15.22 21.23 -15.58
C GLN A 55 -14.74 21.07 -17.03
N ASN A 56 -13.41 21.07 -17.20
CA ASN A 56 -12.80 20.97 -18.52
C ASN A 56 -13.11 19.60 -19.14
N LEU A 57 -13.14 18.55 -18.30
CA LEU A 57 -13.39 17.19 -18.76
C LEU A 57 -14.82 17.09 -19.25
N LYS A 58 -15.76 17.59 -18.41
CA LYS A 58 -17.19 17.59 -18.70
C LYS A 58 -17.49 18.41 -19.95
N ALA A 59 -16.63 19.34 -20.33
CA ALA A 59 -16.86 20.20 -21.48
C ALA A 59 -16.13 19.73 -22.73
N GLY A 60 -15.33 18.66 -22.63
CA GLY A 60 -14.61 18.10 -23.76
C GLY A 60 -13.30 18.80 -24.09
N GLN A 61 -12.81 19.69 -23.21
CA GLN A 61 -11.63 20.49 -23.47
C GLN A 61 -10.37 19.71 -23.17
N VAL A 62 -10.51 18.71 -22.29
CA VAL A 62 -9.51 17.69 -22.05
C VAL A 62 -10.19 16.31 -22.17
N ASP A 63 -9.34 15.28 -22.23
CA ASP A 63 -9.75 13.93 -22.58
C ASP A 63 -9.85 13.07 -21.32
N GLY A 64 -9.07 13.42 -20.30
CA GLY A 64 -9.04 12.66 -19.06
C GLY A 64 -8.45 13.45 -17.89
N ILE A 65 -8.52 12.86 -16.69
CA ILE A 65 -8.03 13.47 -15.46
C ILE A 65 -7.20 12.45 -14.67
N ILE A 66 -6.05 12.89 -14.14
CA ILE A 66 -5.33 12.15 -13.12
C ILE A 66 -5.00 13.19 -12.05
N ALA A 67 -5.48 12.96 -10.82
CA ALA A 67 -5.36 13.97 -9.76
C ALA A 67 -5.71 13.34 -8.40
N GLY A 68 -5.07 12.22 -8.06
CA GLY A 68 -5.39 11.51 -6.83
C GLY A 68 -6.90 11.41 -6.61
N MET A 69 -7.61 10.98 -7.67
CA MET A 69 -9.06 11.05 -7.68
C MET A 69 -9.68 9.74 -7.16
N THR A 70 -10.35 9.80 -6.02
CA THR A 70 -10.99 8.65 -5.41
C THR A 70 -12.09 8.10 -6.32
N ILE A 71 -12.09 6.77 -6.53
CA ILE A 71 -13.17 6.12 -7.26
C ILE A 71 -14.38 5.98 -6.33
N THR A 72 -15.53 6.59 -6.66
CA THR A 72 -16.73 6.53 -5.83
C THR A 72 -17.92 6.20 -6.71
N ASP A 73 -18.96 5.61 -6.11
CA ASP A 73 -20.22 5.30 -6.77
C ASP A 73 -20.84 6.55 -7.38
N GLU A 74 -20.86 7.66 -6.61
CA GLU A 74 -21.38 8.93 -7.09
C GLU A 74 -20.64 9.34 -8.38
N ARG A 75 -19.30 9.30 -8.33
CA ARG A 75 -18.51 9.71 -9.48
C ARG A 75 -18.75 8.79 -10.68
N LYS A 76 -19.00 7.50 -10.44
CA LYS A 76 -19.17 6.55 -11.54
C LYS A 76 -20.48 6.78 -12.31
N GLU A 77 -21.35 7.68 -11.81
CA GLU A 77 -22.54 8.04 -12.56
C GLU A 77 -22.17 9.01 -13.69
N THR A 78 -21.05 9.71 -13.55
CA THR A 78 -20.63 10.72 -14.52
C THR A 78 -19.39 10.26 -15.27
N PHE A 79 -18.50 9.52 -14.59
CA PHE A 79 -17.17 9.21 -15.12
C PHE A 79 -16.96 7.69 -15.17
N ASP A 80 -16.12 7.27 -16.12
CA ASP A 80 -15.57 5.94 -16.15
C ASP A 80 -14.13 5.98 -15.64
N PHE A 81 -13.73 4.95 -14.91
CA PHE A 81 -12.40 4.94 -14.30
C PHE A 81 -11.57 3.76 -14.78
N SER A 82 -10.26 3.95 -14.70
CA SER A 82 -9.28 2.89 -14.79
C SER A 82 -9.34 2.04 -13.52
N ASN A 83 -8.63 0.91 -13.55
CA ASN A 83 -8.29 0.23 -12.31
C ASN A 83 -7.57 1.24 -11.43
N PRO A 84 -7.77 1.19 -10.10
CA PRO A 84 -7.04 2.11 -9.23
C PRO A 84 -5.54 1.84 -9.36
N TYR A 85 -4.74 2.93 -9.43
CA TYR A 85 -3.28 2.81 -9.51
C TYR A 85 -2.59 3.02 -8.17
N TYR A 86 -3.35 3.44 -7.14
CA TYR A 86 -2.81 3.64 -5.81
C TYR A 86 -3.97 3.63 -4.84
N THR A 87 -3.81 2.98 -3.68
CA THR A 87 -4.84 3.06 -2.66
C THR A 87 -4.27 3.82 -1.45
N SER A 88 -4.79 5.02 -1.22
CA SER A 88 -4.36 5.85 -0.10
C SER A 88 -5.05 5.39 1.19
N ALA A 89 -4.68 6.08 2.27
CA ALA A 89 -5.19 5.80 3.60
C ALA A 89 -4.96 7.05 4.44
N LEU A 90 -5.66 7.13 5.57
CA LEU A 90 -5.47 8.26 6.50
C LEU A 90 -4.73 7.78 7.73
N THR A 91 -3.94 8.67 8.32
CA THR A 91 -3.32 8.36 9.61
C THR A 91 -2.93 9.67 10.30
N ILE A 92 -2.43 9.54 11.53
CA ILE A 92 -1.97 10.68 12.32
C ILE A 92 -0.46 10.80 12.16
N ALA A 93 0.00 11.97 11.68
CA ALA A 93 1.41 12.34 11.82
C ALA A 93 1.65 12.98 13.19
N THR A 94 2.77 12.66 13.80
CA THR A 94 3.30 13.28 15.01
C THR A 94 4.71 13.79 14.73
N THR A 95 5.27 14.55 15.67
CA THR A 95 6.69 14.88 15.61
C THR A 95 7.49 13.60 15.84
N LYS A 96 8.76 13.58 15.41
CA LYS A 96 9.57 12.37 15.47
C LYS A 96 9.77 11.91 16.92
N ASP A 97 9.80 12.85 17.88
CA ASP A 97 10.07 12.52 19.28
C ASP A 97 8.78 12.28 20.06
N SER A 98 7.62 12.40 19.41
CA SER A 98 6.34 12.07 20.05
C SER A 98 6.28 10.60 20.44
N LYS A 99 5.66 10.34 21.60
CA LYS A 99 5.47 9.01 22.15
C LYS A 99 4.06 8.46 21.89
N LEU A 100 3.19 9.26 21.28
CA LEU A 100 1.82 8.84 20.96
C LEU A 100 1.85 7.74 19.90
N SER A 101 0.99 6.71 20.08
CA SER A 101 0.98 5.57 19.17
C SER A 101 -0.44 5.10 18.79
N ASP A 102 -1.49 5.58 19.46
CA ASP A 102 -2.83 5.12 19.10
C ASP A 102 -3.84 6.22 19.38
N TYR A 103 -5.02 6.09 18.76
CA TYR A 103 -6.04 7.14 18.76
C TYR A 103 -6.48 7.45 20.19
N SER A 104 -6.49 6.45 21.06
CA SER A 104 -6.89 6.65 22.45
C SER A 104 -5.96 7.63 23.18
N ASP A 105 -4.71 7.79 22.69
CA ASP A 105 -3.72 8.66 23.33
C ASP A 105 -4.03 10.15 23.13
N LEU A 106 -4.95 10.50 22.23
CA LEU A 106 -5.25 11.86 21.85
C LEU A 106 -6.28 12.52 22.76
N LYS A 107 -6.81 11.78 23.74
CA LYS A 107 -7.81 12.33 24.66
C LYS A 107 -7.27 13.61 25.31
N GLY A 108 -8.04 14.69 25.19
CA GLY A 108 -7.68 15.97 25.82
C GLY A 108 -6.66 16.75 24.99
N LYS A 109 -6.31 16.25 23.80
CA LYS A 109 -5.27 16.86 22.96
C LYS A 109 -5.91 17.50 21.74
N ALA A 110 -5.23 18.49 21.14
CA ALA A 110 -5.67 19.11 19.90
C ALA A 110 -5.05 18.35 18.72
N VAL A 111 -5.88 18.10 17.69
CA VAL A 111 -5.49 17.31 16.53
C VAL A 111 -5.92 18.11 15.30
N GLY A 112 -5.03 18.24 14.32
CA GLY A 112 -5.32 19.07 13.18
C GLY A 112 -5.75 18.26 11.95
N ALA A 113 -6.38 18.96 11.02
CA ALA A 113 -6.69 18.44 9.70
C ALA A 113 -6.92 19.62 8.77
N LYS A 114 -6.78 19.37 7.46
CA LYS A 114 -7.03 20.37 6.43
C LYS A 114 -8.54 20.47 6.17
N ASN A 115 -9.03 21.70 6.01
CA ASN A 115 -10.42 21.96 5.71
C ASN A 115 -10.85 21.29 4.41
N GLY A 116 -12.03 20.66 4.42
CA GLY A 116 -12.61 20.12 3.20
C GLY A 116 -11.97 18.80 2.76
N THR A 117 -11.41 18.03 3.71
CA THR A 117 -10.75 16.77 3.39
C THR A 117 -11.42 15.60 4.10
N ALA A 118 -11.21 14.38 3.55
CA ALA A 118 -11.59 13.14 4.21
C ALA A 118 -11.05 13.05 5.64
N ALA A 119 -9.81 13.53 5.84
CA ALA A 119 -9.17 13.54 7.14
C ALA A 119 -10.01 14.33 8.16
N GLN A 120 -10.43 15.53 7.76
CA GLN A 120 -11.31 16.36 8.60
C GLN A 120 -12.58 15.58 8.95
N THR A 121 -13.24 14.99 7.94
CA THR A 121 -14.48 14.25 8.16
C THR A 121 -14.27 13.11 9.15
N TRP A 122 -13.18 12.34 8.95
CA TRP A 122 -12.89 11.24 9.86
C TRP A 122 -12.71 11.74 11.28
N LEU A 123 -11.95 12.84 11.45
CA LEU A 123 -11.73 13.37 12.80
C LEU A 123 -13.08 13.73 13.44
N GLN A 124 -13.91 14.46 12.70
CA GLN A 124 -15.24 14.88 13.22
C GLN A 124 -16.08 13.68 13.59
N GLU A 125 -16.02 12.61 12.79
CA GLU A 125 -16.80 11.41 13.03
C GLU A 125 -16.29 10.60 14.22
N ASN A 126 -15.02 10.77 14.62
CA ASN A 126 -14.41 9.96 15.69
C ASN A 126 -14.06 10.77 16.96
N GLN A 127 -14.48 12.03 17.01
CA GLN A 127 -14.13 12.92 18.13
C GLN A 127 -14.72 12.41 19.45
N LYS A 128 -15.98 11.95 19.42
CA LYS A 128 -16.66 11.50 20.63
C LYS A 128 -16.01 10.23 21.16
N LYS A 129 -15.50 9.39 20.27
CA LYS A 129 -14.87 8.13 20.65
C LYS A 129 -13.57 8.41 21.41
N TYR A 130 -12.73 9.32 20.91
CA TYR A 130 -11.36 9.46 21.42
C TYR A 130 -11.14 10.71 22.28
N GLY A 131 -11.96 11.76 22.12
CA GLY A 131 -11.96 12.84 23.10
C GLY A 131 -10.94 13.94 22.87
N TYR A 132 -10.48 14.13 21.63
CA TYR A 132 -9.60 15.23 21.25
C TYR A 132 -10.43 16.43 20.83
N THR A 133 -9.76 17.58 20.70
CA THR A 133 -10.36 18.74 20.06
C THR A 133 -9.73 18.88 18.67
N ILE A 134 -10.45 19.49 17.73
CA ILE A 134 -10.02 19.55 16.35
C ILE A 134 -9.62 20.99 16.00
N LYS A 135 -8.48 21.16 15.32
CA LYS A 135 -8.08 22.43 14.75
C LYS A 135 -7.99 22.25 13.24
N THR A 136 -8.53 23.22 12.48
CA THR A 136 -8.65 23.14 11.03
C THR A 136 -7.65 24.10 10.41
N TYR A 137 -7.02 23.66 9.32
CA TYR A 137 -5.98 24.42 8.61
C TYR A 137 -6.33 24.51 7.13
N SER A 138 -5.82 25.56 6.48
CA SER A 138 -6.04 25.74 5.05
CA SER A 138 -6.00 25.77 5.05
C SER A 138 -5.19 24.77 4.22
N ASP A 139 -3.96 24.46 4.68
CA ASP A 139 -3.02 23.68 3.86
C ASP A 139 -2.01 22.98 4.75
N GLY A 140 -1.08 22.24 4.13
CA GLY A 140 -0.12 21.42 4.86
C GLY A 140 0.94 22.24 5.58
N VAL A 141 1.40 23.33 4.95
CA VAL A 141 2.45 24.17 5.51
C VAL A 141 1.98 24.62 6.89
N HIS A 142 0.72 25.06 6.98
CA HIS A 142 0.17 25.59 8.23
C HIS A 142 -0.05 24.46 9.24
N MET A 143 -0.69 23.37 8.82
CA MET A 143 -0.92 22.26 9.73
C MET A 143 0.39 21.71 10.29
N PHE A 144 1.40 21.46 9.43
CA PHE A 144 2.64 20.84 9.92
C PHE A 144 3.45 21.81 10.80
N ALA A 145 3.34 23.12 10.56
CA ALA A 145 4.02 24.11 11.39
C ALA A 145 3.42 24.11 12.80
N ALA A 146 2.09 24.00 12.88
CA ALA A 146 1.40 23.90 14.16
C ALA A 146 1.85 22.64 14.92
N LEU A 147 1.98 21.51 14.22
CA LEU A 147 2.46 20.27 14.82
C LEU A 147 3.90 20.45 15.34
N SER A 148 4.77 21.03 14.53
CA SER A 148 6.18 21.21 14.93
C SER A 148 6.31 22.14 16.14
N SER A 149 5.39 23.10 16.27
N SER A 149 5.38 23.10 16.28
CA SER A 149 5.44 24.09 17.35
CA SER A 149 5.45 24.09 17.36
C SER A 149 4.86 23.53 18.65
C SER A 149 4.81 23.56 18.65
N GLY A 150 4.16 22.39 18.58
CA GLY A 150 3.51 21.82 19.76
C GLY A 150 2.09 22.35 19.97
N ASN A 151 1.56 23.17 19.06
CA ASN A 151 0.20 23.68 19.21
C ASN A 151 -0.85 22.61 18.96
N ILE A 152 -0.51 21.57 18.17
CA ILE A 152 -1.34 20.37 18.04
C ILE A 152 -0.44 19.17 18.35
N ALA A 153 -1.06 18.08 18.81
CA ALA A 153 -0.34 16.87 19.22
C ALA A 153 -0.23 15.88 18.07
N GLY A 154 -1.11 16.04 17.09
CA GLY A 154 -1.08 15.20 15.88
C GLY A 154 -1.83 15.86 14.73
N ALA A 155 -1.55 15.40 13.49
CA ALA A 155 -2.19 15.93 12.30
C ALA A 155 -2.69 14.77 11.44
N MET A 156 -3.98 14.79 11.13
N MET A 156 -4.00 14.75 11.16
CA MET A 156 -4.59 13.75 10.30
CA MET A 156 -4.55 13.70 10.32
C MET A 156 -4.39 14.13 8.84
C MET A 156 -4.40 14.10 8.86
N ASP A 157 -3.80 13.21 8.06
CA ASP A 157 -3.61 13.43 6.63
C ASP A 157 -3.46 12.08 5.95
N GLU A 158 -3.22 12.09 4.64
CA GLU A 158 -3.01 10.86 3.88
C GLU A 158 -1.59 10.34 4.09
N VAL A 159 -1.47 9.00 4.15
CA VAL A 159 -0.18 8.31 4.26
C VAL A 159 0.80 8.83 3.19
N PRO A 160 0.46 8.87 1.88
CA PRO A 160 1.41 9.35 0.88
C PRO A 160 1.90 10.79 1.13
N VAL A 161 1.00 11.65 1.64
CA VAL A 161 1.32 13.05 1.83
C VAL A 161 2.32 13.18 2.99
N ILE A 162 2.09 12.43 4.10
CA ILE A 162 2.96 12.42 5.25
C ILE A 162 4.30 11.78 4.85
N SER A 163 4.26 10.71 4.04
CA SER A 163 5.46 9.98 3.63
C SER A 163 6.38 10.93 2.86
N TYR A 164 5.81 11.74 1.96
CA TYR A 164 6.58 12.68 1.17
C TYR A 164 7.15 13.78 2.05
N ALA A 165 6.33 14.32 2.96
CA ALA A 165 6.80 15.35 3.90
C ALA A 165 7.99 14.85 4.72
N MET A 166 7.95 13.57 5.12
CA MET A 166 9.04 12.95 5.83
C MET A 166 10.28 12.85 4.93
N LYS A 167 10.09 12.43 3.67
CA LYS A 167 11.18 12.38 2.69
C LYS A 167 11.84 13.75 2.52
N GLN A 168 11.03 14.81 2.52
CA GLN A 168 11.53 16.17 2.36
C GLN A 168 12.33 16.61 3.59
N GLY A 169 12.23 15.87 4.71
CA GLY A 169 12.98 16.21 5.91
C GLY A 169 12.14 16.91 6.99
N GLN A 170 10.80 16.86 6.88
CA GLN A 170 10.00 17.42 7.96
C GLN A 170 10.06 16.49 9.17
N ASP A 171 9.92 17.10 10.35
CA ASP A 171 10.07 16.45 11.65
C ASP A 171 8.79 15.66 11.94
N LEU A 172 8.66 14.50 11.30
CA LEU A 172 7.40 13.78 11.34
C LEU A 172 7.64 12.29 11.49
N ALA A 173 6.65 11.60 12.06
CA ALA A 173 6.64 10.15 12.23
C ALA A 173 5.21 9.64 12.00
N MET A 174 5.10 8.37 11.60
CA MET A 174 3.81 7.73 11.41
C MET A 174 3.78 6.48 12.29
N ASN A 175 3.32 6.64 13.53
CA ASN A 175 3.31 5.57 14.51
C ASN A 175 1.89 5.12 14.88
N PHE A 176 0.88 5.62 14.17
CA PHE A 176 -0.52 5.27 14.40
C PHE A 176 -1.05 4.32 13.33
N PRO A 177 -2.16 3.60 13.62
CA PRO A 177 -2.86 2.81 12.61
C PRO A 177 -3.37 3.65 11.44
N SER A 178 -3.46 3.04 10.24
CA SER A 178 -4.03 3.69 9.07
CA SER A 178 -4.03 3.69 9.07
C SER A 178 -5.50 3.29 8.87
N ILE A 179 -6.27 4.20 8.28
CA ILE A 179 -7.68 4.04 7.95
C ILE A 179 -7.78 4.03 6.42
N SER A 180 -8.29 2.95 5.85
CA SER A 180 -8.29 2.84 4.41
C SER A 180 -9.28 3.82 3.79
N LEU A 181 -8.92 4.37 2.62
CA LEU A 181 -9.85 5.18 1.84
C LEU A 181 -10.41 4.30 0.74
N PRO A 182 -11.62 3.74 0.93
CA PRO A 182 -12.22 2.84 -0.06
C PRO A 182 -12.21 3.48 -1.44
N GLY A 183 -12.07 2.65 -2.46
N GLY A 183 -11.91 2.67 -2.46
CA GLY A 183 -11.75 3.19 -3.76
CA GLY A 183 -12.06 3.07 -3.85
C GLY A 183 -10.34 3.76 -3.69
C GLY A 183 -10.70 3.03 -4.56
N GLY A 184 -9.45 3.04 -4.37
N GLY A 184 -9.71 3.65 -3.93
CA GLY A 184 -8.23 3.66 -4.81
CA GLY A 184 -8.45 3.88 -4.60
C GLY A 184 -8.48 4.95 -5.58
C GLY A 184 -8.54 5.07 -5.55
N TYR A 185 -7.37 5.52 -6.03
CA TYR A 185 -7.30 6.64 -6.94
C TYR A 185 -7.21 6.07 -8.37
N GLY A 186 -7.99 6.63 -9.28
CA GLY A 186 -7.98 6.20 -10.66
C GLY A 186 -7.85 7.36 -11.64
N PHE A 187 -7.52 6.97 -12.88
CA PHE A 187 -7.61 7.79 -14.07
C PHE A 187 -9.07 7.82 -14.53
N ALA A 188 -9.58 9.00 -14.93
CA ALA A 188 -10.98 9.21 -15.24
C ALA A 188 -11.18 9.86 -16.60
N VAL A 189 -12.27 9.40 -17.26
CA VAL A 189 -12.77 9.95 -18.50
C VAL A 189 -14.28 10.15 -18.33
N MET A 190 -14.91 10.87 -19.28
CA MET A 190 -16.37 10.95 -19.27
C MET A 190 -16.98 9.59 -19.55
N LYS A 191 -18.08 9.29 -18.81
CA LYS A 191 -18.75 8.00 -18.87
C LYS A 191 -19.13 7.67 -20.31
N GLY A 192 -18.74 6.47 -20.75
CA GLY A 192 -19.09 5.97 -22.08
C GLY A 192 -18.14 6.42 -23.19
N LYS A 193 -17.16 7.27 -22.87
CA LYS A 193 -16.26 7.86 -23.85
C LYS A 193 -14.82 7.43 -23.55
N ASN A 194 -13.96 7.54 -24.56
CA ASN A 194 -12.51 7.41 -24.40
C ASN A 194 -12.16 6.06 -23.77
N SER A 195 -12.85 4.98 -24.20
CA SER A 195 -12.48 3.66 -23.70
C SER A 195 -11.02 3.31 -24.02
N THR A 196 -10.48 3.83 -25.14
CA THR A 196 -9.11 3.57 -25.53
C THR A 196 -8.14 4.04 -24.44
N LEU A 197 -8.46 5.22 -23.85
CA LEU A 197 -7.56 5.80 -22.88
C LEU A 197 -7.58 4.97 -21.60
N VAL A 198 -8.78 4.55 -21.16
CA VAL A 198 -8.89 3.73 -19.95
C VAL A 198 -8.18 2.39 -20.14
N ASP A 199 -8.36 1.77 -21.33
CA ASP A 199 -7.73 0.47 -21.59
C ASP A 199 -6.22 0.62 -21.65
N GLY A 200 -5.74 1.69 -22.32
CA GLY A 200 -4.31 1.94 -22.39
C GLY A 200 -3.70 2.17 -21.01
N PHE A 201 -4.46 2.88 -20.15
CA PHE A 201 -4.01 3.12 -18.78
C PHE A 201 -3.89 1.78 -18.04
N ASN A 202 -4.93 0.96 -18.13
CA ASN A 202 -4.97 -0.34 -17.42
C ASN A 202 -3.81 -1.23 -17.86
N LYS A 203 -3.58 -1.31 -19.16
CA LYS A 203 -2.54 -2.24 -19.68
C LYS A 203 -1.14 -1.70 -19.34
N ALA A 204 -0.94 -0.39 -19.48
CA ALA A 204 0.35 0.22 -19.14
C ALA A 204 0.68 0.10 -17.65
N LEU A 205 -0.33 0.33 -16.79
CA LEU A 205 -0.13 0.15 -15.36
C LEU A 205 0.32 -1.27 -15.03
N ALA A 206 -0.34 -2.25 -15.67
CA ALA A 206 0.01 -3.65 -15.44
C ALA A 206 1.46 -3.90 -15.84
N GLU A 207 1.88 -3.33 -16.99
N GLU A 207 1.90 -3.34 -16.98
CA GLU A 207 3.25 -3.43 -17.49
CA GLU A 207 3.30 -3.51 -17.41
C GLU A 207 4.23 -2.85 -16.45
C GLU A 207 4.25 -2.86 -16.41
N MET A 208 3.93 -1.63 -15.98
CA MET A 208 4.75 -0.89 -15.03
C MET A 208 4.78 -1.57 -13.65
N LYS A 209 3.64 -2.15 -13.20
CA LYS A 209 3.67 -2.91 -11.96
C LYS A 209 4.54 -4.16 -12.12
N SER A 210 4.45 -4.80 -13.30
CA SER A 210 5.11 -6.07 -13.57
C SER A 210 6.61 -5.85 -13.80
N ASN A 211 7.05 -4.69 -14.31
CA ASN A 211 8.45 -4.53 -14.67
C ASN A 211 9.24 -3.70 -13.67
N GLY A 212 8.63 -3.28 -12.55
CA GLY A 212 9.35 -2.51 -11.55
C GLY A 212 9.26 -0.97 -11.67
N ASP A 213 8.77 -0.44 -12.79
CA ASP A 213 8.77 1.01 -13.02
C ASP A 213 7.81 1.71 -12.06
N TYR A 214 6.67 1.08 -11.75
CA TYR A 214 5.68 1.63 -10.82
C TYR A 214 6.32 1.85 -9.45
N ASP A 215 7.01 0.81 -8.94
CA ASP A 215 7.67 0.88 -7.65
C ASP A 215 8.74 1.97 -7.63
N LYS A 216 9.46 2.12 -8.73
CA LYS A 216 10.56 3.09 -8.79
C LYS A 216 9.99 4.50 -8.63
N ILE A 217 8.84 4.71 -9.25
CA ILE A 217 8.21 6.03 -9.22
C ILE A 217 7.78 6.37 -7.79
N LEU A 218 7.07 5.44 -7.12
CA LEU A 218 6.65 5.68 -5.73
C LEU A 218 7.86 5.99 -4.84
N LYS A 219 8.93 5.19 -4.98
CA LYS A 219 10.10 5.25 -4.11
C LYS A 219 10.73 6.64 -4.15
N LYS A 220 10.63 7.31 -5.29
CA LYS A 220 11.20 8.63 -5.56
C LYS A 220 10.61 9.67 -4.61
N TYR A 221 9.36 9.45 -4.19
CA TYR A 221 8.65 10.36 -3.30
C TYR A 221 8.53 9.77 -1.89
N GLY A 222 9.27 8.72 -1.54
CA GLY A 222 9.31 8.20 -0.19
C GLY A 222 8.17 7.23 0.14
N ILE A 223 7.44 6.78 -0.87
CA ILE A 223 6.25 5.94 -0.71
C ILE A 223 6.60 4.48 -1.02
N THR A 224 6.19 3.60 -0.11
CA THR A 224 6.14 2.18 -0.39
C THR A 224 4.79 1.83 -1.01
N ALA A 225 4.84 1.10 -2.13
CA ALA A 225 3.64 0.56 -2.76
C ALA A 225 2.83 -0.17 -1.69
N GLU B 1 23.94 -8.91 23.03
CA GLU B 1 23.67 -8.39 24.40
C GLU B 1 22.27 -8.79 24.93
N THR B 2 21.13 -8.46 24.30
CA THR B 2 19.88 -9.08 24.75
C THR B 2 19.52 -10.23 23.80
N THR B 3 19.24 -11.44 24.35
CA THR B 3 18.82 -12.56 23.50
C THR B 3 17.34 -12.42 23.16
N VAL B 4 17.02 -12.53 21.86
CA VAL B 4 15.67 -12.33 21.39
C VAL B 4 15.28 -13.55 20.56
N LYS B 5 14.27 -14.27 21.03
CA LYS B 5 13.81 -15.47 20.33
C LYS B 5 12.59 -15.11 19.49
N ILE B 6 12.70 -15.36 18.17
CA ILE B 6 11.63 -15.06 17.25
C ILE B 6 11.25 -16.33 16.52
N ALA B 7 9.93 -16.62 16.46
CA ALA B 7 9.41 -17.73 15.66
C ALA B 7 8.78 -17.21 14.37
N SER B 8 8.77 -18.09 13.35
CA SER B 8 8.27 -17.76 12.02
C SER B 8 7.71 -19.02 11.37
N ASP B 9 7.15 -18.81 10.16
CA ASP B 9 6.62 -19.92 9.39
C ASP B 9 7.78 -20.72 8.78
N SER B 10 7.45 -21.96 8.37
CA SER B 10 8.41 -22.92 7.82
C SER B 10 8.58 -22.76 6.32
N SER B 11 7.58 -22.20 5.65
CA SER B 11 7.64 -21.99 4.21
C SER B 11 6.56 -21.02 3.71
N TYR B 12 6.95 -19.77 3.44
CA TYR B 12 6.04 -18.73 3.00
C TYR B 12 6.82 -17.68 2.19
N ALA B 13 7.25 -18.07 0.98
CA ALA B 13 8.06 -17.20 0.16
C ALA B 13 7.12 -16.09 -0.33
N PRO B 14 7.54 -14.83 -0.40
CA PRO B 14 8.92 -14.39 -0.17
C PRO B 14 9.29 -13.93 1.23
N PHE B 15 8.42 -14.19 2.23
CA PHE B 15 8.65 -13.73 3.60
C PHE B 15 9.73 -14.57 4.30
N GLU B 16 9.56 -15.91 4.28
CA GLU B 16 10.54 -16.79 4.87
C GLU B 16 10.49 -18.13 4.12
N PHE B 17 11.69 -18.61 3.74
CA PHE B 17 11.81 -19.86 3.02
C PHE B 17 13.28 -20.30 3.00
N GLN B 18 13.50 -21.57 2.69
CA GLN B 18 14.83 -22.10 2.55
C GLN B 18 15.20 -22.03 1.08
N ASN B 19 16.44 -21.61 0.82
CA ASN B 19 16.98 -21.65 -0.52
C ASN B 19 17.58 -23.04 -0.78
N GLY B 20 18.26 -23.17 -1.94
CA GLY B 20 18.87 -24.43 -2.37
C GLY B 20 19.99 -24.93 -1.47
N GLN B 21 20.61 -24.01 -0.71
CA GLN B 21 21.62 -24.38 0.26
C GLN B 21 20.98 -24.64 1.63
N LYS B 22 19.64 -24.57 1.72
CA LYS B 22 18.90 -24.73 2.97
C LYS B 22 19.13 -23.55 3.93
N LYS B 23 19.59 -22.41 3.42
CA LYS B 23 19.75 -21.21 4.24
C LYS B 23 18.38 -20.55 4.33
N TRP B 24 18.02 -20.05 5.51
CA TRP B 24 16.78 -19.29 5.67
C TRP B 24 16.95 -17.90 5.08
N VAL B 25 16.05 -17.55 4.15
CA VAL B 25 16.05 -16.27 3.46
C VAL B 25 14.64 -15.73 3.40
N GLY B 26 14.51 -14.49 2.88
CA GLY B 26 13.22 -13.85 2.71
C GLY B 26 13.18 -12.46 3.34
N ILE B 27 12.09 -11.74 3.05
CA ILE B 27 11.90 -10.38 3.53
C ILE B 27 11.92 -10.34 5.07
N ASP B 28 11.17 -11.27 5.69
CA ASP B 28 11.08 -11.29 7.15
C ASP B 28 12.43 -11.65 7.77
N VAL B 29 13.14 -12.63 7.17
CA VAL B 29 14.41 -13.05 7.71
C VAL B 29 15.41 -11.87 7.65
N ASP B 30 15.53 -11.25 6.49
CA ASP B 30 16.50 -10.16 6.29
C ASP B 30 16.17 -8.93 7.16
N ILE B 31 14.86 -8.56 7.21
CA ILE B 31 14.45 -7.46 8.09
C ILE B 31 14.80 -7.77 9.54
N MET B 32 14.38 -8.94 10.05
CA MET B 32 14.61 -9.24 11.45
C MET B 32 16.11 -9.26 11.79
N GLN B 33 16.94 -9.83 10.90
CA GLN B 33 18.38 -9.89 11.16
C GLN B 33 18.97 -8.47 11.27
N GLU B 34 18.57 -7.58 10.39
CA GLU B 34 19.10 -6.21 10.40
C GLU B 34 18.56 -5.43 11.61
N VAL B 35 17.28 -5.61 11.97
CA VAL B 35 16.75 -5.00 13.20
C VAL B 35 17.58 -5.43 14.41
N ALA B 36 17.85 -6.74 14.51
CA ALA B 36 18.62 -7.26 15.62
C ALA B 36 20.01 -6.61 15.70
N LYS B 37 20.66 -6.49 14.56
CA LYS B 37 22.01 -5.92 14.53
C LYS B 37 21.99 -4.44 14.90
N ILE B 38 21.02 -3.68 14.36
CA ILE B 38 20.84 -2.28 14.72
C ILE B 38 20.63 -2.13 16.23
N ASN B 39 19.89 -3.05 16.87
CA ASN B 39 19.52 -2.94 18.28
C ASN B 39 20.46 -3.71 19.20
N ASP B 40 21.51 -4.34 18.64
CA ASP B 40 22.47 -5.12 19.42
C ASP B 40 21.79 -6.31 20.11
N TRP B 41 20.88 -6.96 19.40
CA TRP B 41 20.21 -8.15 19.92
C TRP B 41 20.91 -9.39 19.39
N LYS B 42 21.02 -10.41 20.24
CA LYS B 42 21.37 -11.75 19.78
C LYS B 42 20.10 -12.48 19.34
N LEU B 43 19.92 -12.63 18.03
CA LEU B 43 18.69 -13.14 17.47
C LEU B 43 18.76 -14.67 17.39
N GLU B 44 17.69 -15.31 17.90
CA GLU B 44 17.53 -16.75 17.80
C GLU B 44 16.21 -17.02 17.05
N MET B 45 16.32 -17.29 15.74
CA MET B 45 15.18 -17.50 14.87
C MET B 45 14.81 -18.98 14.94
N SER B 46 13.51 -19.27 14.94
CA SER B 46 12.99 -20.62 14.78
C SER B 46 11.87 -20.60 13.72
N TYR B 47 11.67 -21.76 13.03
CA TYR B 47 10.78 -21.86 11.86
C TYR B 47 9.81 -23.05 12.00
N PRO B 48 8.99 -23.09 13.08
CA PRO B 48 8.08 -24.22 13.31
C PRO B 48 6.79 -24.25 12.48
N GLY B 49 6.50 -23.12 11.82
CA GLY B 49 5.21 -22.89 11.18
C GLY B 49 4.41 -21.79 11.89
N PHE B 50 3.55 -21.12 11.13
CA PHE B 50 2.75 -20.00 11.60
C PHE B 50 1.96 -20.38 12.85
N ASP B 51 1.18 -21.47 12.78
CA ASP B 51 0.32 -21.88 13.89
C ASP B 51 1.17 -22.18 15.13
N ALA B 52 2.25 -22.95 14.95
CA ALA B 52 3.10 -23.32 16.09
C ALA B 52 3.75 -22.07 16.68
N ALA B 53 4.16 -21.14 15.81
CA ALA B 53 4.78 -19.88 16.24
C ALA B 53 3.83 -19.10 17.17
N LEU B 54 2.55 -19.01 16.79
CA LEU B 54 1.57 -18.36 17.64
C LEU B 54 1.43 -19.08 18.98
N GLN B 55 1.36 -20.43 18.97
CA GLN B 55 1.26 -21.23 20.19
C GLN B 55 2.47 -20.95 21.09
N ASN B 56 3.67 -20.96 20.49
CA ASN B 56 4.91 -20.75 21.22
C ASN B 56 4.95 -19.35 21.83
N LEU B 57 4.47 -18.35 21.09
CA LEU B 57 4.46 -16.96 21.53
C LEU B 57 3.57 -16.81 22.77
N LYS B 58 2.35 -17.35 22.68
CA LYS B 58 1.40 -17.28 23.77
C LYS B 58 1.88 -18.03 24.99
N ALA B 59 2.67 -19.10 24.81
CA ALA B 59 3.19 -19.85 25.95
C ALA B 59 4.42 -19.17 26.54
N GLY B 60 5.02 -18.20 25.83
CA GLY B 60 6.19 -17.49 26.32
C GLY B 60 7.50 -18.21 25.98
N GLN B 61 7.45 -19.16 25.04
CA GLN B 61 8.63 -19.91 24.63
C GLN B 61 9.44 -19.13 23.61
N VAL B 62 8.80 -18.16 22.96
CA VAL B 62 9.47 -17.15 22.14
C VAL B 62 8.94 -15.77 22.56
N ASP B 63 9.61 -14.72 22.08
CA ASP B 63 9.39 -13.34 22.50
C ASP B 63 8.56 -12.59 21.47
N GLY B 64 8.60 -13.05 20.22
CA GLY B 64 7.93 -12.39 19.14
C GLY B 64 7.83 -13.27 17.90
N ILE B 65 7.03 -12.79 16.93
N ILE B 65 7.08 -12.76 16.92
CA ILE B 65 6.77 -13.48 15.67
CA ILE B 65 6.86 -13.46 15.67
C ILE B 65 6.95 -12.50 14.51
C ILE B 65 7.00 -12.48 14.52
N ILE B 66 7.58 -12.96 13.42
CA ILE B 66 7.49 -12.28 12.14
C ILE B 66 7.25 -13.41 11.12
N ALA B 67 6.15 -13.33 10.36
CA ALA B 67 5.71 -14.48 9.55
C ALA B 67 4.65 -14.11 8.52
N GLY B 68 4.88 -13.05 7.73
CA GLY B 68 3.87 -12.58 6.79
C GLY B 68 2.52 -12.42 7.47
N MET B 69 2.55 -11.86 8.69
CA MET B 69 1.37 -11.74 9.52
C MET B 69 0.69 -10.38 9.32
N THR B 70 -0.52 -10.45 8.75
CA THR B 70 -1.34 -9.28 8.53
C THR B 70 -1.83 -8.75 9.89
N ILE B 71 -1.67 -7.45 10.11
CA ILE B 71 -2.21 -6.75 11.26
C ILE B 71 -3.71 -6.56 11.05
N THR B 72 -4.49 -7.00 12.03
CA THR B 72 -5.94 -6.84 12.01
C THR B 72 -6.36 -6.37 13.40
N ASP B 73 -7.55 -5.71 13.48
CA ASP B 73 -8.04 -5.28 14.78
C ASP B 73 -8.33 -6.47 15.70
N GLU B 74 -8.83 -7.59 15.15
CA GLU B 74 -9.06 -8.73 16.02
C GLU B 74 -7.73 -9.23 16.62
N ARG B 75 -6.66 -9.30 15.80
CA ARG B 75 -5.38 -9.78 16.32
C ARG B 75 -4.81 -8.84 17.40
N LYS B 76 -5.11 -7.55 17.32
CA LYS B 76 -4.61 -6.58 18.28
C LYS B 76 -5.24 -6.75 19.66
N GLU B 77 -6.28 -7.56 19.76
CA GLU B 77 -6.83 -7.89 21.06
C GLU B 77 -5.94 -8.88 21.79
N THR B 78 -5.09 -9.63 21.07
CA THR B 78 -4.20 -10.60 21.68
C THR B 78 -2.73 -10.17 21.63
N PHE B 79 -2.35 -9.44 20.55
CA PHE B 79 -0.96 -9.12 20.27
C PHE B 79 -0.79 -7.61 20.18
N ASP B 80 0.41 -7.14 20.50
CA ASP B 80 0.84 -5.80 20.12
C ASP B 80 1.71 -5.89 18.87
N PHE B 81 1.52 -4.95 17.96
CA PHE B 81 2.24 -4.98 16.70
C PHE B 81 3.15 -3.77 16.55
N SER B 82 4.20 -4.00 15.74
CA SER B 82 5.00 -2.92 15.21
C SER B 82 4.17 -2.09 14.25
N ASN B 83 4.73 -0.92 13.87
CA ASN B 83 4.33 -0.25 12.65
C ASN B 83 4.45 -1.26 11.51
N PRO B 84 3.58 -1.22 10.50
CA PRO B 84 3.69 -2.19 9.40
C PRO B 84 5.01 -2.02 8.65
N TYR B 85 5.60 -3.17 8.28
CA TYR B 85 6.86 -3.17 7.53
C TYR B 85 6.63 -3.38 6.02
N TYR B 86 5.41 -3.67 5.62
CA TYR B 86 5.02 -3.74 4.21
C TYR B 86 3.48 -3.63 4.18
N THR B 87 2.96 -3.05 3.10
CA THR B 87 1.54 -2.99 2.78
C THR B 87 1.03 -4.40 2.50
N SER B 88 -0.24 -4.62 2.84
CA SER B 88 -0.87 -5.92 2.71
C SER B 88 -1.98 -5.81 1.68
N ALA B 89 -1.76 -6.24 0.43
CA ALA B 89 -2.77 -6.18 -0.61
C ALA B 89 -2.96 -7.55 -1.29
N LEU B 90 -4.12 -7.70 -1.92
CA LEU B 90 -4.48 -8.89 -2.70
C LEU B 90 -4.64 -8.49 -4.15
N THR B 91 -4.37 -9.45 -5.07
CA THR B 91 -4.65 -9.19 -6.47
C THR B 91 -4.83 -10.51 -7.21
N ILE B 92 -5.46 -10.40 -8.38
CA ILE B 92 -5.68 -11.52 -9.27
C ILE B 92 -4.56 -11.51 -10.32
N ALA B 93 -3.72 -12.54 -10.26
CA ALA B 93 -2.66 -12.75 -11.24
C ALA B 93 -3.24 -13.45 -12.46
N THR B 94 -2.69 -13.13 -13.63
CA THR B 94 -2.98 -13.82 -14.89
C THR B 94 -1.67 -14.32 -15.50
N THR B 95 -1.76 -15.02 -16.63
CA THR B 95 -0.56 -15.32 -17.40
C THR B 95 -0.04 -14.04 -18.05
N LYS B 96 1.24 -14.07 -18.47
N LYS B 96 1.22 -14.12 -18.54
CA LYS B 96 1.94 -12.90 -18.97
CA LYS B 96 1.98 -12.96 -18.97
C LYS B 96 1.18 -12.23 -20.12
C LYS B 96 1.32 -12.28 -20.17
N ASP B 97 0.60 -13.03 -21.01
CA ASP B 97 0.05 -12.51 -22.27
C ASP B 97 -1.47 -12.29 -22.18
N SER B 98 -2.03 -12.47 -20.98
CA SER B 98 -3.46 -12.28 -20.79
C SER B 98 -3.84 -10.82 -21.02
N LYS B 99 -5.01 -10.60 -21.63
CA LYS B 99 -5.56 -9.26 -21.78
C LYS B 99 -6.71 -9.00 -20.80
N LEU B 100 -6.95 -9.88 -19.84
CA LEU B 100 -7.94 -9.63 -18.80
C LEU B 100 -7.43 -8.50 -17.92
N SER B 101 -8.31 -7.55 -17.58
CA SER B 101 -7.87 -6.39 -16.80
C SER B 101 -8.91 -5.95 -15.76
N ASP B 102 -10.18 -6.31 -15.98
CA ASP B 102 -11.33 -5.85 -15.21
C ASP B 102 -12.09 -7.08 -14.70
N TYR B 103 -12.76 -6.95 -13.55
CA TYR B 103 -13.43 -8.07 -12.92
C TYR B 103 -14.53 -8.61 -13.83
N SER B 104 -15.16 -7.76 -14.65
CA SER B 104 -16.20 -8.21 -15.54
C SER B 104 -15.67 -9.15 -16.63
N ASP B 105 -14.35 -9.11 -16.88
CA ASP B 105 -13.70 -9.94 -17.87
C ASP B 105 -13.62 -11.40 -17.43
N LEU B 106 -13.90 -11.68 -16.15
CA LEU B 106 -13.84 -13.03 -15.60
C LEU B 106 -15.17 -13.76 -15.80
N LYS B 107 -16.16 -13.10 -16.41
CA LYS B 107 -17.46 -13.73 -16.56
C LYS B 107 -17.30 -15.02 -17.34
N GLY B 108 -17.80 -16.13 -16.79
CA GLY B 108 -17.76 -17.41 -17.48
C GLY B 108 -16.43 -18.14 -17.29
N LYS B 109 -15.50 -17.57 -16.50
CA LYS B 109 -14.14 -18.07 -16.36
C LYS B 109 -13.95 -18.66 -14.97
N ALA B 110 -12.92 -19.50 -14.80
CA ALA B 110 -12.58 -20.04 -13.48
C ALA B 110 -11.48 -19.18 -12.86
N VAL B 111 -11.59 -18.94 -11.54
CA VAL B 111 -10.62 -18.13 -10.81
C VAL B 111 -10.22 -18.89 -9.57
N GLY B 112 -8.91 -18.97 -9.31
CA GLY B 112 -8.38 -19.75 -8.20
C GLY B 112 -8.10 -18.90 -6.97
N ALA B 113 -8.17 -19.55 -5.81
CA ALA B 113 -7.59 -19.07 -4.57
C ALA B 113 -7.19 -20.27 -3.73
N LYS B 114 -6.34 -19.99 -2.73
CA LYS B 114 -5.96 -20.97 -1.73
C LYS B 114 -7.07 -21.11 -0.70
N ASN B 115 -7.26 -22.35 -0.24
CA ASN B 115 -8.28 -22.65 0.77
C ASN B 115 -8.02 -21.86 2.06
N GLY B 116 -9.08 -21.28 2.64
CA GLY B 116 -9.05 -20.63 3.94
C GLY B 116 -8.34 -19.28 3.96
N THR B 117 -8.38 -18.53 2.85
CA THR B 117 -7.66 -17.27 2.75
C THR B 117 -8.63 -16.11 2.54
N ALA B 118 -8.15 -14.90 2.84
CA ALA B 118 -8.86 -13.66 2.50
C ALA B 118 -9.21 -13.62 1.01
N ALA B 119 -8.31 -14.14 0.16
CA ALA B 119 -8.54 -14.19 -1.28
C ALA B 119 -9.76 -15.05 -1.60
N GLN B 120 -9.84 -16.25 -1.00
CA GLN B 120 -11.01 -17.11 -1.13
C GLN B 120 -12.29 -16.34 -0.75
N THR B 121 -12.28 -15.65 0.42
CA THR B 121 -13.45 -14.90 0.89
C THR B 121 -13.85 -13.82 -0.11
N TRP B 122 -12.89 -13.03 -0.60
CA TRP B 122 -13.20 -12.00 -1.59
C TRP B 122 -13.89 -12.62 -2.83
N LEU B 123 -13.32 -13.73 -3.33
CA LEU B 123 -13.86 -14.37 -4.52
C LEU B 123 -15.29 -14.82 -4.25
N GLN B 124 -15.52 -15.47 -3.09
CA GLN B 124 -16.87 -15.91 -2.70
C GLN B 124 -17.84 -14.73 -2.63
N GLU B 125 -17.39 -13.62 -2.06
CA GLU B 125 -18.24 -12.46 -1.84
C GLU B 125 -18.61 -11.80 -3.18
N ASN B 126 -17.77 -11.96 -4.23
CA ASN B 126 -17.98 -11.26 -5.50
C ASN B 126 -18.39 -12.18 -6.67
N GLN B 127 -18.62 -13.48 -6.42
CA GLN B 127 -18.86 -14.44 -7.49
C GLN B 127 -20.16 -14.10 -8.25
N LYS B 128 -21.26 -13.80 -7.54
CA LYS B 128 -22.55 -13.57 -8.20
C LYS B 128 -22.46 -12.28 -9.02
N LYS B 129 -21.70 -11.30 -8.52
CA LYS B 129 -21.55 -10.00 -9.17
C LYS B 129 -20.89 -10.13 -10.55
N TYR B 130 -19.84 -10.94 -10.69
CA TYR B 130 -19.05 -10.95 -11.91
C TYR B 130 -19.17 -12.26 -12.71
N GLY B 131 -19.67 -13.35 -12.14
CA GLY B 131 -20.04 -14.49 -12.97
C GLY B 131 -18.93 -15.53 -13.23
N TYR B 132 -17.87 -15.57 -12.41
CA TYR B 132 -16.85 -16.60 -12.53
C TYR B 132 -17.21 -17.80 -11.66
N THR B 133 -16.50 -18.90 -11.88
CA THR B 133 -16.52 -20.03 -10.97
C THR B 133 -15.21 -20.02 -10.20
N ILE B 134 -15.25 -20.58 -8.99
CA ILE B 134 -14.11 -20.56 -8.09
C ILE B 134 -13.51 -21.96 -8.00
N LYS B 135 -12.17 -22.03 -8.10
CA LYS B 135 -11.43 -23.24 -7.84
C LYS B 135 -10.49 -22.98 -6.65
N THR B 136 -10.49 -23.90 -5.68
CA THR B 136 -9.73 -23.79 -4.45
C THR B 136 -8.52 -24.73 -4.50
N TYR B 137 -7.39 -24.27 -3.97
CA TYR B 137 -6.13 -25.00 -4.02
C TYR B 137 -5.54 -25.13 -2.63
N SER B 138 -4.75 -26.20 -2.44
CA SER B 138 -4.04 -26.47 -1.21
C SER B 138 -2.91 -25.46 -0.98
N ASP B 139 -2.19 -25.07 -2.06
CA ASP B 139 -0.94 -24.35 -1.97
C ASP B 139 -0.70 -23.61 -3.29
N GLY B 140 0.35 -22.79 -3.32
CA GLY B 140 0.63 -21.93 -4.46
C GLY B 140 1.15 -22.73 -5.66
N VAL B 141 1.91 -23.79 -5.39
CA VAL B 141 2.46 -24.59 -6.47
C VAL B 141 1.31 -25.12 -7.33
N HIS B 142 0.25 -25.65 -6.69
CA HIS B 142 -0.89 -26.18 -7.44
C HIS B 142 -1.70 -25.07 -8.13
N MET B 143 -1.99 -23.98 -7.38
CA MET B 143 -2.76 -22.87 -7.95
C MET B 143 -2.05 -22.29 -9.19
N PHE B 144 -0.74 -22.00 -9.09
CA PHE B 144 -0.06 -21.34 -10.21
C PHE B 144 0.14 -22.29 -11.40
N ALA B 145 0.25 -23.61 -11.16
CA ALA B 145 0.34 -24.57 -12.24
C ALA B 145 -0.96 -24.56 -13.06
N ALA B 146 -2.10 -24.50 -12.35
CA ALA B 146 -3.41 -24.44 -12.97
C ALA B 146 -3.55 -23.17 -13.81
N LEU B 147 -3.06 -22.02 -13.28
CA LEU B 147 -3.05 -20.78 -14.03
C LEU B 147 -2.20 -20.90 -15.29
N SER B 148 -0.97 -21.43 -15.19
CA SER B 148 -0.11 -21.53 -16.36
C SER B 148 -0.68 -22.47 -17.44
N SER B 149 -1.49 -23.47 -17.02
CA SER B 149 -2.08 -24.44 -17.93
C SER B 149 -3.33 -23.89 -18.62
N GLY B 150 -3.86 -22.75 -18.12
CA GLY B 150 -5.06 -22.18 -18.69
C GLY B 150 -6.33 -22.77 -18.11
N ASN B 151 -6.23 -23.67 -17.12
CA ASN B 151 -7.40 -24.26 -16.53
C ASN B 151 -8.15 -23.25 -15.67
N ILE B 152 -7.42 -22.24 -15.13
CA ILE B 152 -8.04 -21.04 -14.55
C ILE B 152 -7.50 -19.82 -15.29
N ALA B 153 -8.33 -18.77 -15.32
CA ALA B 153 -8.06 -17.50 -16.01
C ALA B 153 -7.27 -16.52 -15.11
N GLY B 154 -7.47 -16.67 -13.81
CA GLY B 154 -6.84 -15.84 -12.79
C GLY B 154 -6.62 -16.61 -11.49
N ALA B 155 -5.66 -16.15 -10.67
CA ALA B 155 -5.38 -16.71 -9.37
C ALA B 155 -5.21 -15.58 -8.37
N MET B 156 -6.06 -15.55 -7.34
N MET B 156 -6.06 -15.55 -7.34
CA MET B 156 -6.03 -14.48 -6.36
CA MET B 156 -5.98 -14.44 -6.39
C MET B 156 -5.08 -14.85 -5.23
C MET B 156 -5.11 -14.83 -5.20
N ASP B 157 -4.15 -13.96 -4.89
CA ASP B 157 -3.23 -14.17 -3.79
C ASP B 157 -2.73 -12.82 -3.27
N GLU B 158 -1.91 -12.90 -2.22
CA GLU B 158 -1.21 -11.73 -1.68
C GLU B 158 -0.19 -11.20 -2.70
N VAL B 159 -0.15 -9.86 -2.82
CA VAL B 159 0.61 -9.23 -3.90
C VAL B 159 2.08 -9.65 -3.79
N PRO B 160 2.73 -9.64 -2.60
CA PRO B 160 4.15 -10.05 -2.56
C PRO B 160 4.40 -11.49 -3.04
N VAL B 161 3.44 -12.39 -2.85
CA VAL B 161 3.59 -13.78 -3.27
C VAL B 161 3.64 -13.84 -4.79
N ILE B 162 2.71 -13.13 -5.45
CA ILE B 162 2.69 -13.07 -6.91
C ILE B 162 3.95 -12.36 -7.44
N SER B 163 4.38 -11.26 -6.77
CA SER B 163 5.54 -10.50 -7.22
C SER B 163 6.80 -11.39 -7.23
N TYR B 164 6.95 -12.19 -6.16
CA TYR B 164 8.13 -13.03 -6.01
C TYR B 164 8.15 -14.05 -7.15
N ALA B 165 7.01 -14.74 -7.32
CA ALA B 165 6.88 -15.77 -8.34
C ALA B 165 7.22 -15.22 -9.72
N MET B 166 6.76 -14.01 -10.00
CA MET B 166 7.03 -13.31 -11.25
C MET B 166 8.54 -13.11 -11.40
N LYS B 167 9.23 -12.64 -10.35
CA LYS B 167 10.65 -12.37 -10.35
C LYS B 167 11.45 -13.64 -10.60
N GLN B 168 10.92 -14.77 -10.13
CA GLN B 168 11.57 -16.05 -10.32
C GLN B 168 11.45 -16.53 -11.76
N GLY B 169 10.66 -15.82 -12.56
CA GLY B 169 10.47 -16.20 -13.95
C GLY B 169 9.17 -16.97 -14.20
N GLN B 170 8.25 -17.08 -13.22
CA GLN B 170 6.96 -17.69 -13.54
C GLN B 170 6.18 -16.85 -14.55
N ASP B 171 5.28 -17.54 -15.27
CA ASP B 171 4.50 -16.96 -16.35
C ASP B 171 3.33 -16.17 -15.77
N LEU B 172 3.57 -14.92 -15.37
CA LEU B 172 2.56 -14.19 -14.62
C LEU B 172 2.63 -12.70 -14.98
N ALA B 173 1.46 -12.05 -14.89
CA ALA B 173 1.35 -10.59 -14.91
C ALA B 173 0.37 -10.12 -13.82
N MET B 174 0.48 -8.82 -13.45
CA MET B 174 -0.45 -8.20 -12.53
C MET B 174 -1.33 -7.20 -13.28
N ASN B 175 -2.40 -7.71 -13.87
CA ASN B 175 -3.31 -6.96 -14.72
C ASN B 175 -4.50 -6.34 -13.95
N PHE B 176 -4.71 -6.74 -12.70
CA PHE B 176 -5.91 -6.37 -11.96
C PHE B 176 -5.55 -5.38 -10.85
N PRO B 177 -6.58 -4.71 -10.29
CA PRO B 177 -6.38 -3.81 -9.15
C PRO B 177 -5.74 -4.52 -7.96
N SER B 178 -5.00 -3.78 -7.11
CA SER B 178 -4.64 -4.30 -5.81
CA SER B 178 -4.61 -4.26 -5.81
C SER B 178 -5.74 -3.89 -4.84
N ILE B 179 -6.14 -4.83 -4.00
CA ILE B 179 -7.14 -4.65 -2.97
C ILE B 179 -6.39 -4.55 -1.65
N SER B 180 -6.51 -3.38 -0.99
CA SER B 180 -5.69 -3.08 0.17
C SER B 180 -6.38 -3.57 1.45
N LEU B 181 -5.66 -4.31 2.29
CA LEU B 181 -6.03 -4.45 3.71
C LEU B 181 -5.24 -3.42 4.52
N PRO B 182 -5.90 -2.57 5.36
CA PRO B 182 -5.24 -1.40 5.96
C PRO B 182 -4.13 -1.70 6.96
N GLY B 183 -4.11 -2.90 7.57
CA GLY B 183 -3.20 -3.18 8.66
C GLY B 183 -1.74 -3.21 8.24
N GLY B 184 -1.46 -3.81 7.06
CA GLY B 184 -0.09 -4.12 6.69
C GLY B 184 0.41 -5.37 7.39
N TYR B 185 1.67 -5.76 7.09
CA TYR B 185 2.32 -6.86 7.76
C TYR B 185 3.08 -6.35 8.98
N GLY B 186 3.03 -7.06 10.11
CA GLY B 186 3.64 -6.62 11.35
C GLY B 186 4.45 -7.68 12.07
N PHE B 187 5.44 -7.17 12.84
CA PHE B 187 6.10 -7.87 13.91
C PHE B 187 5.17 -7.89 15.13
N ALA B 188 5.03 -9.05 15.79
CA ALA B 188 4.07 -9.22 16.89
C ALA B 188 4.75 -9.71 18.15
N VAL B 189 4.30 -9.15 19.30
CA VAL B 189 4.60 -9.66 20.60
C VAL B 189 3.28 -9.87 21.37
N MET B 190 3.33 -10.52 22.53
CA MET B 190 2.10 -10.60 23.32
C MET B 190 1.67 -9.21 23.82
N LYS B 191 0.34 -9.01 23.84
CA LYS B 191 -0.25 -7.72 24.22
C LYS B 191 0.25 -7.31 25.62
N GLY B 192 0.78 -6.09 25.70
CA GLY B 192 1.21 -5.49 26.95
C GLY B 192 2.65 -5.83 27.30
N LYS B 193 3.31 -6.69 26.50
CA LYS B 193 4.62 -7.22 26.82
C LYS B 193 5.63 -6.74 25.79
N ASN B 194 6.90 -6.68 26.22
CA ASN B 194 8.03 -6.55 25.33
C ASN B 194 7.90 -5.30 24.46
N SER B 195 7.39 -4.20 25.01
N SER B 195 7.32 -4.22 24.99
CA SER B 195 7.24 -2.98 24.22
CA SER B 195 7.21 -3.00 24.23
C SER B 195 8.60 -2.47 23.73
C SER B 195 8.58 -2.49 23.73
N THR B 196 9.69 -2.74 24.47
CA THR B 196 10.99 -2.32 23.97
CA THR B 196 10.99 -2.30 23.97
C THR B 196 11.38 -3.04 22.69
N LEU B 197 10.95 -4.31 22.52
CA LEU B 197 11.24 -5.03 21.28
C LEU B 197 10.47 -4.42 20.11
N VAL B 198 9.18 -4.07 20.33
CA VAL B 198 8.38 -3.42 19.31
C VAL B 198 9.00 -2.07 18.94
N ASP B 199 9.41 -1.28 19.95
CA ASP B 199 10.02 0.03 19.71
C ASP B 199 11.34 -0.12 18.94
N GLY B 200 12.19 -1.08 19.28
CA GLY B 200 13.43 -1.27 18.55
C GLY B 200 13.16 -1.66 17.10
N PHE B 201 12.08 -2.45 16.89
CA PHE B 201 11.69 -2.83 15.53
C PHE B 201 11.33 -1.57 14.75
N ASN B 202 10.49 -0.73 15.37
CA ASN B 202 10.01 0.49 14.75
C ASN B 202 11.18 1.43 14.40
N LYS B 203 12.09 1.64 15.35
CA LYS B 203 13.20 2.56 15.15
C LYS B 203 14.13 2.05 14.04
N ALA B 204 14.41 0.72 14.05
CA ALA B 204 15.30 0.13 13.06
C ALA B 204 14.67 0.21 11.66
N LEU B 205 13.36 -0.10 11.56
CA LEU B 205 12.64 0.01 10.29
C LEU B 205 12.72 1.44 9.72
N ALA B 206 12.52 2.45 10.58
CA ALA B 206 12.63 3.82 10.10
C ALA B 206 14.05 4.13 9.55
N GLU B 207 15.07 3.65 10.26
N GLU B 207 15.09 3.70 10.27
CA GLU B 207 16.47 3.83 9.87
CA GLU B 207 16.46 3.88 9.84
C GLU B 207 16.73 3.18 8.51
C GLU B 207 16.69 3.19 8.50
N MET B 208 16.23 1.93 8.38
CA MET B 208 16.35 1.17 7.14
C MET B 208 15.63 1.82 5.97
N LYS B 209 14.43 2.36 6.23
N LYS B 209 14.43 2.39 6.16
CA LYS B 209 13.68 3.10 5.21
CA LYS B 209 13.79 3.11 5.06
C LYS B 209 14.49 4.33 4.75
C LYS B 209 14.67 4.30 4.68
N SER B 210 15.15 5.00 5.69
CA SER B 210 15.92 6.20 5.45
CA SER B 210 15.94 6.21 5.48
C SER B 210 17.21 5.89 4.69
N ASN B 211 17.91 4.85 5.07
CA ASN B 211 19.25 4.62 4.51
C ASN B 211 19.24 3.76 3.24
N GLY B 212 18.06 3.30 2.82
CA GLY B 212 17.92 2.52 1.60
C GLY B 212 18.01 0.98 1.81
N ASP B 213 18.35 0.50 3.00
CA ASP B 213 18.47 -0.93 3.24
C ASP B 213 17.12 -1.64 3.10
N TYR B 214 16.03 -0.95 3.48
CA TYR B 214 14.68 -1.45 3.33
C TYR B 214 14.39 -1.73 1.85
N ASP B 215 14.65 -0.75 0.99
CA ASP B 215 14.37 -0.92 -0.43
C ASP B 215 15.29 -2.01 -1.04
N LYS B 216 16.51 -2.19 -0.53
CA LYS B 216 17.38 -3.23 -1.09
C LYS B 216 16.75 -4.59 -0.84
N ILE B 217 16.15 -4.74 0.36
CA ILE B 217 15.61 -6.03 0.77
C ILE B 217 14.39 -6.37 -0.08
N LEU B 218 13.49 -5.39 -0.28
CA LEU B 218 12.33 -5.64 -1.12
C LEU B 218 12.76 -6.08 -2.53
N LYS B 219 13.75 -5.41 -3.11
N LYS B 219 13.73 -5.33 -3.09
CA LYS B 219 14.13 -5.70 -4.49
CA LYS B 219 14.36 -5.59 -4.39
C LYS B 219 14.84 -7.04 -4.59
C LYS B 219 14.78 -7.04 -4.53
N LYS B 220 15.52 -7.49 -3.51
CA LYS B 220 16.16 -8.81 -3.47
C LYS B 220 15.13 -9.91 -3.74
N TYR B 221 13.88 -9.68 -3.29
CA TYR B 221 12.84 -10.69 -3.41
C TYR B 221 11.79 -10.33 -4.46
N GLY B 222 12.05 -9.29 -5.28
CA GLY B 222 11.23 -8.96 -6.43
C GLY B 222 9.89 -8.33 -6.10
N ILE B 223 9.80 -7.63 -4.95
CA ILE B 223 8.57 -7.01 -4.47
C ILE B 223 8.48 -5.59 -5.05
N THR B 224 7.54 -5.38 -5.99
CA THR B 224 7.49 -4.17 -6.82
C THR B 224 6.12 -3.47 -6.80
N ALA B 225 5.06 -4.18 -6.40
CA ALA B 225 3.79 -3.57 -6.08
C ALA B 225 3.32 -4.08 -4.71
N ARG C . -8.37 12.67 -3.12
CA ARG C . -9.24 13.86 -3.35
C ARG C . -10.60 13.37 -3.85
O ARG C . -11.55 14.11 -3.78
CB ARG C . -8.63 14.79 -4.40
CG ARG C . -8.47 16.23 -3.97
CD ARG C . -7.30 16.45 -3.02
NE ARG C . -6.40 17.53 -3.39
CZ ARG C . -5.46 18.03 -2.58
NH1 ARG C . -4.85 19.17 -2.88
NH2 ARG C . -5.13 17.40 -1.47
OXT ARG C . -10.65 12.29 -4.31
H1 ARG C . -7.51 12.93 -2.94
H2 ARG C . -8.37 12.16 -3.84
H3 ARG C . -8.68 12.19 -2.44
HA ARG C . -9.35 14.34 -2.50
HB2 ARG C . -7.75 14.44 -4.66
HB3 ARG C . -9.21 14.76 -5.20
HG2 ARG C . -8.33 16.79 -4.76
HG3 ARG C . -9.29 16.54 -3.53
HD2 ARG C . -7.66 16.63 -2.12
HD3 ARG C . -6.79 15.61 -2.95
HE ARG C . -6.45 17.86 -4.19
HH11 ARG C . -4.10 19.15 -3.34
HH12 ARG C . -5.19 19.94 -2.60
HH21 ARG C . -5.70 16.86 -1.08
HH22 ARG C . -4.33 17.51 -1.13
NA NA D . -7.48 5.81 -2.10
C1 GOL E . 0.92 -22.06 -0.38
O1 GOL E . 2.29 -22.25 -0.69
C2 GOL E . 0.61 -22.40 1.06
O2 GOL E . 1.09 -23.72 1.37
C3 GOL E . 1.12 -21.35 2.04
O3 GOL E . 2.54 -21.37 2.18
H11 GOL E . 0.38 -22.63 -0.95
H12 GOL E . 0.67 -21.13 -0.55
HO1 GOL E . 2.44 -22.06 -1.53
H2 GOL E . -0.38 -22.42 1.15
HO2 GOL E . 1.62 -23.62 1.99
H31 GOL E . 0.71 -21.50 2.92
H32 GOL E . 0.84 -20.45 1.72
HO3 GOL E . 2.85 -22.06 1.79
N ARG F . -1.06 -12.90 5.77
CA ARG F . -2.05 -13.95 6.17
C ARG F . -2.27 -13.91 7.69
O ARG F . -1.72 -13.00 8.34
CB ARG F . -1.60 -15.34 5.72
CG ARG F . -0.14 -15.65 5.99
CD ARG F . 0.15 -16.04 7.40
NE ARG F . 1.56 -16.36 7.56
CZ ARG F . 2.17 -17.41 7.03
NH1 ARG F . 1.45 -18.31 6.38
NH2 ARG F . 3.48 -17.56 7.17
OXT ARG F . -3.02 -14.76 8.18
H1 ARG F . -0.71 -13.11 4.93
H2 ARG F . -0.38 -12.84 6.41
H3 ARG F . -1.51 -12.07 5.72
HA ARG F . -2.91 -13.76 5.74
HB2 ARG F . -2.15 -16.02 6.17
HB3 ARG F . -1.76 -15.42 4.75
HG2 ARG F . 0.14 -16.38 5.40
HG3 ARG F . 0.41 -14.87 5.76
HD2 ARG F . -0.09 -15.30 8.01
HD3 ARG F . -0.39 -16.82 7.65
HE ARG F . 2.04 -15.81 8.04
HH11 ARG F . 1.69 -18.58 5.58
HH12 ARG F . 0.72 -18.65 6.77
HH21 ARG F . 3.97 -16.96 7.60
HH22 ARG F . 3.89 -18.23 6.75
C1 PEG G . 7.71 5.55 5.29
O1 PEG G . 7.22 5.04 6.49
C2 PEG G . 7.89 7.02 5.28
O2 PEG G . 9.28 7.30 5.18
C3 PEG G . 9.59 8.31 4.22
C4 PEG G . 10.99 8.75 4.50
O4 PEG G . 11.94 8.06 3.72
H11 PEG G . 7.10 5.30 4.57
H12 PEG G . 8.58 5.14 5.11
HO1 PEG G . 7.14 4.18 6.35
H21 PEG G . 7.53 7.41 6.11
H22 PEG G . 7.41 7.41 4.52
H31 PEG G . 8.97 9.07 4.31
H32 PEG G . 9.52 7.94 3.32
H41 PEG G . 11.19 8.61 5.45
H42 PEG G . 11.06 9.71 4.31
HO4 PEG G . 11.72 7.21 3.69
C1 PEG H . 1.53 3.00 7.24
O1 PEG H . 2.14 3.58 8.41
C2 PEG H . 2.48 2.80 6.07
O2 PEG H . 2.93 1.44 6.00
C3 PEG H . 3.64 1.11 4.80
C4 PEG H . 4.76 0.14 5.10
O4 PEG H . 6.05 0.74 4.95
H11 PEG H . 0.79 3.57 6.95
H12 PEG H . 1.15 2.12 7.48
HO1 PEG H . 1.57 3.55 9.02
H21 PEG H . 3.25 3.39 6.17
H22 PEG H . 2.02 3.03 5.23
H31 PEG H . 4.00 1.92 4.40
H32 PEG H . 3.02 0.70 4.15
H41 PEG H . 4.68 -0.62 4.49
H42 PEG H . 4.66 -0.18 6.01
HO4 PEG H . 6.71 -0.02 4.94
C1 PEG I . -10.47 -9.83 3.87
O1 PEG I . -11.63 -10.65 3.89
C2 PEG I . -10.22 -9.25 2.52
O2 PEG I . -11.35 -8.50 2.09
C3 PEG I . -11.06 -7.50 1.12
C4 PEG I . -10.49 -6.29 1.80
O4 PEG I . -11.44 -5.25 1.91
H11 PEG I . -9.70 -10.38 4.14
H12 PEG I . -10.58 -9.11 4.52
HO1 PEG I . -11.67 -11.01 4.63
H21 PEG I . -10.04 -9.98 1.87
H22 PEG I . -9.43 -8.67 2.55
H31 PEG I . -11.88 -7.25 0.65
H32 PEG I . -10.41 -7.84 0.46
H41 PEG I . -9.72 -5.97 1.29
H42 PEG I . -10.18 -6.53 2.69
HO4 PEG I . -12.15 -5.56 2.36
C1 PEG J . -12.09 -0.27 -20.57
O1 PEG J . -12.89 0.73 -19.97
C2 PEG J . -12.75 -1.62 -20.56
O2 PEG J . -11.86 -2.61 -20.03
C3 PEG J . -12.35 -3.94 -20.13
C4 PEG J . -13.41 -4.20 -19.10
O4 PEG J . -14.73 -4.06 -19.62
H11 PEG J . -11.23 -0.34 -20.08
H12 PEG J . -11.88 -0.03 -21.49
HO1 PEG J . -12.57 1.51 -20.03
H21 PEG J . -13.02 -1.86 -21.47
H22 PEG J . -13.56 -1.57 -19.99
H31 PEG J . -11.61 -4.57 -19.99
H32 PEG J . -12.71 -4.10 -21.03
H41 PEG J . -13.30 -3.55 -18.37
H42 PEG J . -13.31 -5.10 -18.75
HO4 PEG J . -14.75 -3.34 -20.16
C1 PEG K . -6.05 -15.93 20.81
O1 PEG K . -5.94 -16.63 22.09
C2 PEG K . -5.27 -16.60 19.74
O2 PEG K . -5.10 -15.80 18.57
C3 PEG K . -5.00 -16.56 17.35
C4 PEG K . -3.71 -17.38 17.31
O4 PEG K . -3.87 -18.77 17.66
H11 PEG K . -5.74 -15.01 20.92
H12 PEG K . -6.99 -15.91 20.54
HO1 PEG K . -6.38 -16.27 22.71
H21 PEG K . -5.71 -17.44 19.49
H22 PEG K . -4.39 -16.81 20.08
H31 PEG K . -5.02 -15.95 16.59
H32 PEG K . -5.77 -17.17 17.29
H41 PEG K . -3.06 -16.97 17.92
H42 PEG K . -3.34 -17.32 16.40
HO4 PEG K . -4.55 -19.09 17.26
C1 PGE L . 12.91 -29.27 2.63
O1 PGE L . 13.35 -30.13 3.67
C2 PGE L . 13.30 -27.84 2.86
O2 PGE L . 12.96 -27.05 1.73
C3 PGE L . 14.08 -26.47 1.06
C4 PGE L . 14.26 -27.12 -0.26
O4 PGE L . 14.91 -26.27 -3.19
C6 PGE L . 15.27 -27.63 -2.98
C5 PGE L . 16.04 -27.84 -1.70
O3 PGE L . 15.62 -26.93 -0.68
H1 PGE L . 11.94 -29.33 2.56
H12 PGE L . 13.30 -29.57 1.78
HO1 PGE L . 13.14 -30.87 3.61
H2 PGE L . 14.26 -27.78 3.03
H22 PGE L . 12.84 -27.49 3.65
H3 PGE L . 14.89 -26.57 1.60
H32 PGE L . 13.92 -25.50 0.93
H4 PGE L . 13.65 -26.73 -0.92
H42 PGE L . 14.07 -28.07 -0.19
HO4 PGE L . 15.29 -25.78 -2.61
H6 PGE L . 15.81 -27.94 -3.74
H62 PGE L . 14.45 -28.17 -2.95
H5 PGE L . 16.99 -27.72 -1.87
H52 PGE L . 15.89 -28.76 -1.39
#